data_3Q5R
#
_entry.id   3Q5R
#
_cell.length_a   106.891
_cell.length_b   106.891
_cell.length_c   145.774
_cell.angle_alpha   90.00
_cell.angle_beta   90.00
_cell.angle_gamma   90.00
#
_symmetry.space_group_name_H-M   'P 43 2 2'
#
loop_
_entity.id
_entity.type
_entity.pdbx_description
1 polymer 'Multidrug-efflux transporter 1 regulator'
2 polymer '23 bp promoter DNA'
3 non-polymer 'KANAMYCIN A'
#
loop_
_entity_poly.entity_id
_entity_poly.type
_entity_poly.pdbx_seq_one_letter_code
_entity_poly.pdbx_strand_id
1 'polypeptide(L)'
;MKESYYSIGEVSKLANVSIKALRYYDKIDLFKPAYVDPDTSYRYYTDSQLIHLDLIKSLKYIGTPLEEMKKAQDLEMEEL
FAFYTEQERQIREKLDFLSALEQTISLVKKRMKRQMEYPALGEVFVLDEEEIRIIQTEAEGLGPENVLNASYSKLKKFIE
SADGFTNNSYGATFSFQPYTSIDEMTYRHIFTPVLTNKQISSITPDMEITTIPKGRYACIAYNFSPEHYFLNLQKLIKYI
ADRQLTVVSDVYELIIPIHYSPKKQEEYRVEMKIRILDHHHHHH
;
A
2 'polydeoxyribonucleotide'
;(DG)(DA)(DC)(DC)(DC)(DT)(DC)(DC)(DC)(DC)(DT)(DT)(DA)(DG)(DG)(DG)(DG)(DA)(DG)(DG)
(DG)(DT)(DC)
;
B
#
# COMPACT_ATOMS: atom_id res chain seq x y z
N GLU A 3 -40.87 4.60 39.25
CA GLU A 3 -42.34 4.70 38.99
C GLU A 3 -42.62 5.36 37.63
N SER A 4 -41.56 5.87 37.00
CA SER A 4 -41.59 6.36 35.59
C SER A 4 -41.00 5.33 34.62
N TYR A 5 -41.77 5.02 33.56
CA TYR A 5 -41.43 4.01 32.55
C TYR A 5 -41.36 4.62 31.17
N TYR A 6 -40.47 4.07 30.34
CA TYR A 6 -40.13 4.72 29.10
C TYR A 6 -40.46 3.84 27.91
N SER A 7 -41.13 4.41 26.91
CA SER A 7 -41.31 3.71 25.64
C SER A 7 -40.01 3.74 24.86
N ILE A 8 -39.93 2.93 23.82
CA ILE A 8 -38.71 2.88 23.04
C ILE A 8 -38.33 4.29 22.57
N GLY A 9 -39.33 5.07 22.15
CA GLY A 9 -39.14 6.44 21.68
C GLY A 9 -38.54 7.31 22.75
N GLU A 10 -39.01 7.13 23.97
CA GLU A 10 -38.57 7.96 25.07
C GLU A 10 -37.11 7.66 25.35
N VAL A 11 -36.78 6.38 25.41
CA VAL A 11 -35.41 5.98 25.67
C VAL A 11 -34.55 6.52 24.55
N SER A 12 -35.02 6.38 23.33
CA SER A 12 -34.19 6.70 22.18
C SER A 12 -33.71 8.13 22.28
N LYS A 13 -34.65 9.04 22.57
CA LYS A 13 -34.41 10.48 22.67
C LYS A 13 -33.52 10.69 23.87
N LEU A 14 -33.84 9.99 24.95
CA LEU A 14 -33.10 10.12 26.20
C LEU A 14 -31.66 9.74 26.06
N ALA A 15 -31.41 8.61 25.40
CA ALA A 15 -30.10 8.00 25.34
C ALA A 15 -29.35 8.29 24.03
N ASN A 16 -30.01 8.93 23.07
CA ASN A 16 -29.38 9.27 21.82
C ASN A 16 -28.89 7.98 21.13
N VAL A 17 -29.77 6.99 21.18
CA VAL A 17 -29.59 5.75 20.47
C VAL A 17 -30.86 5.64 19.64
N SER A 18 -30.80 4.93 18.51
CA SER A 18 -31.96 4.87 17.62
C SER A 18 -32.92 3.79 18.07
N ILE A 19 -34.20 3.97 17.71
CA ILE A 19 -35.20 2.92 17.94
C ILE A 19 -34.83 1.57 17.28
N LYS A 20 -34.62 1.59 15.96
CA LYS A 20 -34.26 0.34 15.30
C LYS A 20 -33.05 -0.30 16.03
N ALA A 21 -32.27 0.52 16.72
CA ALA A 21 -31.07 0.05 17.40
C ALA A 21 -31.42 -0.66 18.68
N LEU A 22 -32.34 -0.09 19.46
CA LEU A 22 -32.83 -0.72 20.70
C LEU A 22 -33.57 -2.00 20.39
N ARG A 23 -34.45 -1.95 19.39
CA ARG A 23 -35.08 -3.16 18.92
C ARG A 23 -34.05 -4.24 18.61
N TYR A 24 -32.98 -3.85 17.93
CA TYR A 24 -31.96 -4.81 17.56
C TYR A 24 -31.32 -5.38 18.83
N TYR A 25 -30.94 -4.48 19.74
CA TYR A 25 -30.27 -4.89 20.96
C TYR A 25 -31.18 -5.76 21.83
N ASP A 26 -32.49 -5.54 21.68
CA ASP A 26 -33.51 -6.39 22.28
C ASP A 26 -33.45 -7.77 21.63
N LYS A 27 -33.44 -7.84 20.30
CA LYS A 27 -33.41 -9.13 19.60
C LYS A 27 -32.19 -10.00 20.00
N ILE A 28 -31.02 -9.38 20.06
CA ILE A 28 -29.81 -10.16 20.38
C ILE A 28 -29.57 -10.28 21.88
N ASP A 29 -30.57 -9.85 22.64
CA ASP A 29 -30.58 -10.04 24.08
C ASP A 29 -29.35 -9.42 24.69
N LEU A 30 -28.88 -8.32 24.12
CA LEU A 30 -27.82 -7.54 24.74
C LEU A 30 -28.43 -6.53 25.68
N PHE A 31 -29.54 -5.93 25.25
CA PHE A 31 -30.25 -5.00 26.10
C PHE A 31 -31.75 -5.14 25.82
N LYS A 32 -32.48 -5.74 26.76
CA LYS A 32 -33.93 -6.02 26.63
C LYS A 32 -34.78 -5.10 27.51
N PRO A 33 -35.92 -4.58 27.02
CA PRO A 33 -36.83 -3.85 27.92
C PRO A 33 -37.24 -4.60 29.19
N ALA A 34 -37.57 -3.86 30.24
CA ALA A 34 -38.03 -4.42 31.48
C ALA A 34 -39.40 -4.98 31.28
N TYR A 35 -40.14 -4.44 30.31
CA TYR A 35 -41.53 -4.85 30.12
C TYR A 35 -41.97 -4.85 28.67
N VAL A 36 -42.52 -5.98 28.23
CA VAL A 36 -43.19 -6.04 26.92
C VAL A 36 -44.67 -6.41 27.06
N ASP A 37 -45.52 -5.40 26.88
CA ASP A 37 -46.97 -5.57 26.89
C ASP A 37 -47.29 -6.76 26.01
N PRO A 38 -48.09 -7.72 26.49
CA PRO A 38 -48.16 -8.95 25.74
C PRO A 38 -49.07 -8.88 24.50
N ASP A 39 -49.95 -7.89 24.45
CA ASP A 39 -50.83 -7.80 23.29
C ASP A 39 -50.28 -6.88 22.22
N THR A 40 -49.80 -5.71 22.62
CA THR A 40 -49.29 -4.72 21.67
C THR A 40 -47.81 -4.89 21.38
N SER A 41 -47.15 -5.78 22.11
CA SER A 41 -45.73 -6.04 21.86
C SER A 41 -45.02 -4.69 21.90
N TYR A 42 -45.57 -3.72 22.63
CA TYR A 42 -44.87 -2.48 22.84
C TYR A 42 -43.79 -2.77 23.89
N ARG A 43 -42.65 -2.09 23.75
CA ARG A 43 -41.53 -2.22 24.69
C ARG A 43 -41.52 -1.04 25.64
N TYR A 44 -41.32 -1.36 26.91
CA TYR A 44 -41.27 -0.41 28.00
C TYR A 44 -40.04 -0.64 28.86
N TYR A 45 -39.44 0.46 29.32
CA TYR A 45 -38.12 0.43 29.97
C TYR A 45 -38.13 1.18 31.30
N THR A 46 -37.37 0.72 32.28
CA THR A 46 -37.28 1.39 33.58
C THR A 46 -36.20 2.44 33.53
N ASP A 47 -36.29 3.45 34.38
CA ASP A 47 -35.27 4.48 34.39
C ASP A 47 -33.95 3.88 34.81
N SER A 48 -34.00 2.91 35.72
CA SER A 48 -32.79 2.28 36.27
C SER A 48 -32.06 1.39 35.29
N GLN A 49 -32.66 1.16 34.14
CA GLN A 49 -32.03 0.41 33.09
C GLN A 49 -31.01 1.25 32.38
N LEU A 50 -31.35 2.50 32.07
CA LEU A 50 -30.47 3.28 31.20
C LEU A 50 -28.97 3.18 31.53
N ILE A 51 -28.63 2.88 32.77
CA ILE A 51 -27.23 2.70 33.16
C ILE A 51 -26.51 1.64 32.31
N HIS A 52 -27.23 0.61 31.91
CA HIS A 52 -26.65 -0.45 31.11
C HIS A 52 -26.22 -0.01 29.73
N LEU A 53 -26.83 1.07 29.24
CA LEU A 53 -26.41 1.68 27.99
C LEU A 53 -25.07 2.41 28.03
N ASP A 54 -24.65 2.94 29.16
CA ASP A 54 -23.43 3.69 29.13
C ASP A 54 -22.32 2.84 28.62
N LEU A 55 -22.15 1.65 29.15
CA LEU A 55 -21.12 0.75 28.67
C LEU A 55 -21.32 0.44 27.19
N ILE A 56 -22.50 -0.06 26.84
CA ILE A 56 -22.82 -0.40 25.45
C ILE A 56 -22.39 0.70 24.52
N LYS A 57 -22.91 1.90 24.76
CA LYS A 57 -22.59 3.05 23.98
C LYS A 57 -21.09 3.30 23.92
N SER A 58 -20.39 3.33 25.04
CA SER A 58 -18.92 3.42 25.00
C SER A 58 -18.33 2.34 24.10
N LEU A 59 -18.51 1.08 24.48
CA LEU A 59 -17.88 0.00 23.76
C LEU A 59 -18.12 0.11 22.27
N LYS A 60 -19.35 0.45 21.90
CA LYS A 60 -19.70 0.73 20.51
C LYS A 60 -18.78 1.79 19.92
N TYR A 61 -18.57 2.88 20.63
CA TYR A 61 -17.75 3.98 20.12
C TYR A 61 -16.34 3.52 19.85
N ILE A 62 -15.81 2.71 20.77
CA ILE A 62 -14.51 2.03 20.64
C ILE A 62 -14.50 1.07 19.49
N GLY A 63 -15.66 0.51 19.15
CA GLY A 63 -15.79 -0.38 18.02
C GLY A 63 -15.90 -1.84 18.38
N THR A 64 -16.04 -2.13 19.67
CA THR A 64 -16.26 -3.50 20.11
C THR A 64 -17.50 -4.15 19.47
N PRO A 65 -17.31 -5.31 18.83
CA PRO A 65 -18.46 -5.97 18.22
C PRO A 65 -19.47 -6.47 19.27
N LEU A 66 -20.73 -6.67 18.88
CA LEU A 66 -21.82 -6.77 19.87
C LEU A 66 -21.72 -8.03 20.67
N GLU A 67 -21.68 -9.17 20.03
CA GLU A 67 -21.60 -10.40 20.80
C GLU A 67 -20.46 -10.26 21.84
N GLU A 68 -19.48 -9.40 21.55
CA GLU A 68 -18.35 -9.18 22.46
C GLU A 68 -18.69 -8.33 23.65
N MET A 69 -19.53 -7.33 23.44
CA MET A 69 -20.02 -6.51 24.54
C MET A 69 -20.66 -7.41 25.58
N LYS A 70 -21.53 -8.32 25.13
CA LYS A 70 -22.20 -9.28 26.01
C LYS A 70 -21.24 -9.96 26.99
N LYS A 71 -20.08 -10.38 26.48
CA LYS A 71 -19.10 -11.02 27.34
C LYS A 71 -18.59 -9.96 28.30
N ALA A 72 -18.40 -8.74 27.81
CA ALA A 72 -17.88 -7.68 28.65
C ALA A 72 -18.81 -7.27 29.81
N GLN A 73 -20.12 -7.42 29.63
CA GLN A 73 -21.08 -6.95 30.61
C GLN A 73 -20.96 -7.66 31.93
N ASP A 74 -20.77 -8.97 31.86
CA ASP A 74 -20.59 -9.82 33.04
C ASP A 74 -19.36 -9.41 33.83
N LEU A 75 -18.29 -9.04 33.15
CA LEU A 75 -17.00 -8.83 33.77
C LEU A 75 -16.99 -7.90 34.96
N GLU A 76 -16.17 -8.24 35.96
CA GLU A 76 -16.10 -7.47 37.21
C GLU A 76 -15.10 -6.35 37.02
N MET A 77 -15.18 -5.31 37.85
CA MET A 77 -14.37 -4.13 37.63
C MET A 77 -12.91 -4.41 37.30
N GLU A 78 -12.22 -5.21 38.11
CA GLU A 78 -10.82 -5.59 37.82
C GLU A 78 -10.69 -6.27 36.45
N GLU A 79 -11.60 -7.21 36.17
CA GLU A 79 -11.53 -7.94 34.91
C GLU A 79 -11.77 -7.01 33.69
N LEU A 80 -12.67 -6.03 33.84
CA LEU A 80 -13.04 -5.08 32.77
C LEU A 80 -11.87 -4.16 32.45
N PHE A 81 -11.21 -3.71 33.52
CA PHE A 81 -9.97 -2.99 33.41
C PHE A 81 -9.06 -3.65 32.40
N ALA A 82 -8.79 -4.93 32.57
CA ALA A 82 -7.90 -5.63 31.62
C ALA A 82 -8.37 -5.60 30.17
N PHE A 83 -9.65 -5.91 29.97
CA PHE A 83 -10.32 -5.82 28.66
C PHE A 83 -10.05 -4.50 27.99
N TYR A 84 -10.03 -3.46 28.81
CA TYR A 84 -9.70 -2.17 28.28
C TYR A 84 -8.30 -2.14 27.72
N THR A 85 -7.34 -2.66 28.46
CA THR A 85 -5.97 -2.54 28.02
C THR A 85 -5.78 -3.42 26.79
N GLU A 86 -6.60 -4.45 26.67
CA GLU A 86 -6.64 -5.16 25.41
C GLU A 86 -7.03 -4.18 24.31
N GLN A 87 -8.15 -3.51 24.48
CA GLN A 87 -8.53 -2.43 23.57
C GLN A 87 -7.41 -1.41 23.34
N GLU A 88 -6.73 -1.02 24.40
CA GLU A 88 -5.58 -0.14 24.27
C GLU A 88 -4.53 -0.63 23.30
N ARG A 89 -4.16 -1.91 23.43
CA ARG A 89 -3.13 -2.51 22.60
C ARG A 89 -3.58 -2.61 21.14
N GLN A 90 -4.85 -2.93 20.96
CA GLN A 90 -5.46 -3.10 19.64
C GLN A 90 -5.49 -1.78 18.87
N ILE A 91 -5.76 -0.71 19.61
CA ILE A 91 -5.65 0.62 19.08
C ILE A 91 -4.23 0.94 18.63
N ARG A 92 -3.24 0.71 19.48
CA ARG A 92 -1.87 1.05 19.12
C ARG A 92 -1.47 0.41 17.81
N GLU A 93 -1.97 -0.79 17.57
CA GLU A 93 -1.76 -1.47 16.31
C GLU A 93 -2.28 -0.67 15.12
N LYS A 94 -3.59 -0.44 15.08
CA LYS A 94 -4.15 0.42 14.04
C LYS A 94 -3.30 1.67 13.89
N LEU A 95 -2.97 2.31 15.01
CA LEU A 95 -2.12 3.52 14.99
C LEU A 95 -0.85 3.29 14.20
N ASP A 96 -0.09 2.27 14.58
CA ASP A 96 1.06 1.84 13.79
C ASP A 96 0.68 1.61 12.32
N PHE A 97 -0.24 0.70 12.09
CA PHE A 97 -0.61 0.31 10.74
C PHE A 97 -0.90 1.49 9.82
N LEU A 98 -1.67 2.46 10.31
CA LEU A 98 -1.99 3.64 9.50
C LEU A 98 -0.76 4.49 9.41
N SER A 99 -0.12 4.64 10.56
CA SER A 99 0.98 5.55 10.65
C SER A 99 1.99 5.21 9.58
N ALA A 100 2.19 3.90 9.39
CA ALA A 100 3.09 3.37 8.37
C ALA A 100 2.59 3.75 6.98
N LEU A 101 1.32 3.52 6.77
CA LEU A 101 0.69 3.77 5.52
C LEU A 101 0.86 5.21 5.14
N GLU A 102 0.73 6.10 6.09
CA GLU A 102 0.88 7.51 5.81
C GLU A 102 2.24 7.81 5.14
N GLN A 103 3.33 7.35 5.75
CA GLN A 103 4.67 7.54 5.14
C GLN A 103 4.71 6.91 3.73
N THR A 104 4.21 5.68 3.64
CA THR A 104 4.17 4.99 2.37
C THR A 104 3.55 5.82 1.28
N ILE A 105 2.35 6.33 1.52
CA ILE A 105 1.61 7.05 0.48
C ILE A 105 2.28 8.35 0.13
N SER A 106 2.78 9.05 1.15
CA SER A 106 3.50 10.29 0.93
C SER A 106 4.69 10.06 0.00
N LEU A 107 5.28 8.88 0.13
CA LEU A 107 6.41 8.48 -0.69
C LEU A 107 6.03 7.95 -2.07
N VAL A 108 4.95 7.19 -2.14
CA VAL A 108 4.43 6.79 -3.43
C VAL A 108 4.20 8.07 -4.21
N LYS A 109 3.57 9.03 -3.54
CA LYS A 109 3.25 10.33 -4.15
C LYS A 109 4.50 11.06 -4.61
N LYS A 110 5.55 11.02 -3.78
CA LYS A 110 6.78 11.73 -4.11
C LYS A 110 7.37 11.19 -5.38
N ARG A 111 7.25 9.87 -5.60
CA ARG A 111 7.82 9.25 -6.80
C ARG A 111 6.98 9.48 -8.04
N MET A 112 5.68 9.66 -7.83
CA MET A 112 4.74 9.98 -8.89
C MET A 112 4.97 11.39 -9.38
N LYS A 113 5.45 12.24 -8.49
CA LYS A 113 5.66 13.63 -8.84
C LYS A 113 6.71 13.70 -9.93
N ARG A 114 7.93 13.24 -9.64
CA ARG A 114 9.01 13.32 -10.63
C ARG A 114 8.55 12.89 -12.03
N GLN A 115 7.76 11.82 -12.12
CA GLN A 115 7.27 11.34 -13.41
C GLN A 115 6.47 12.38 -14.17
N MET A 116 5.73 13.21 -13.45
CA MET A 116 5.01 14.29 -14.06
C MET A 116 5.83 15.58 -14.16
N GLU A 117 6.98 15.62 -13.49
CA GLU A 117 7.81 16.82 -13.48
C GLU A 117 9.09 16.56 -14.25
N TYR A 118 9.04 15.61 -15.16
CA TYR A 118 10.25 15.21 -15.82
C TYR A 118 10.52 16.19 -16.94
N PRO A 119 11.73 16.77 -16.97
CA PRO A 119 12.00 17.99 -17.74
C PRO A 119 11.67 17.89 -19.22
N ALA A 120 12.03 16.79 -19.87
CA ALA A 120 11.47 16.56 -21.21
C ALA A 120 11.57 15.10 -21.58
N LEU A 121 10.70 14.68 -22.49
CA LEU A 121 10.63 13.30 -22.90
C LEU A 121 11.36 13.05 -24.21
N GLY A 122 11.94 11.87 -24.36
CA GLY A 122 12.64 11.58 -25.58
C GLY A 122 14.05 12.15 -25.66
N GLU A 123 14.39 13.12 -24.83
CA GLU A 123 15.76 13.65 -24.83
C GLU A 123 16.58 13.20 -23.63
N VAL A 124 17.89 13.11 -23.81
CA VAL A 124 18.76 12.65 -22.75
C VAL A 124 19.18 13.80 -21.91
N PHE A 125 19.17 13.61 -20.60
CA PHE A 125 19.95 14.50 -19.75
C PHE A 125 20.47 13.85 -18.50
N VAL A 126 21.45 14.54 -17.93
CA VAL A 126 22.15 14.13 -16.73
C VAL A 126 21.47 14.79 -15.56
N LEU A 127 21.52 14.14 -14.40
CA LEU A 127 20.96 14.73 -13.18
C LEU A 127 21.36 14.00 -11.93
N ASP A 128 21.19 14.66 -10.81
CA ASP A 128 21.71 14.17 -9.55
C ASP A 128 20.62 13.47 -8.79
N GLU A 129 20.86 12.21 -8.46
CA GLU A 129 19.80 11.30 -8.07
C GLU A 129 19.90 10.90 -6.62
N GLU A 130 18.76 10.86 -5.93
CA GLU A 130 18.78 10.23 -4.63
C GLU A 130 18.86 8.71 -4.80
N GLU A 131 19.42 8.02 -3.81
CA GLU A 131 19.40 6.55 -3.85
C GLU A 131 17.98 5.97 -3.89
N ILE A 132 17.82 4.81 -4.54
CA ILE A 132 16.53 4.07 -4.52
C ILE A 132 16.70 2.61 -4.10
N ARG A 133 16.21 2.24 -2.92
CA ARG A 133 16.40 0.85 -2.52
C ARG A 133 15.50 -0.04 -3.35
N ILE A 134 15.89 -1.31 -3.58
CA ILE A 134 15.09 -2.21 -4.45
C ILE A 134 15.31 -3.72 -4.22
N ILE A 135 14.42 -4.58 -4.73
CA ILE A 135 14.62 -6.02 -4.51
C ILE A 135 14.97 -6.64 -5.87
N GLN A 136 16.06 -7.40 -5.99
CA GLN A 136 16.27 -7.90 -7.34
C GLN A 136 16.65 -9.33 -7.30
N THR A 137 16.66 -9.92 -8.47
CA THR A 137 16.98 -11.31 -8.61
C THR A 137 17.66 -11.59 -9.98
N GLU A 138 18.47 -12.65 -10.06
CA GLU A 138 19.21 -12.87 -11.31
C GLU A 138 18.11 -13.16 -12.33
N ALA A 139 18.30 -12.66 -13.55
CA ALA A 139 17.25 -12.64 -14.54
C ALA A 139 17.31 -13.86 -15.47
N GLU A 140 18.19 -14.80 -15.22
CA GLU A 140 18.08 -16.09 -15.86
C GLU A 140 17.89 -16.03 -17.34
N GLY A 141 18.69 -15.23 -18.00
CA GLY A 141 18.61 -15.01 -19.45
C GLY A 141 17.30 -14.43 -19.95
N LEU A 142 16.86 -13.33 -19.38
CA LEU A 142 15.62 -12.72 -19.84
C LEU A 142 15.91 -11.48 -20.64
N GLY A 143 15.04 -11.18 -21.58
CA GLY A 143 15.28 -10.09 -22.52
C GLY A 143 14.13 -9.11 -22.55
N PRO A 144 14.36 -7.91 -23.09
CA PRO A 144 13.27 -6.97 -23.28
C PRO A 144 12.21 -7.69 -24.06
N GLU A 145 12.66 -8.64 -24.87
CA GLU A 145 11.77 -9.34 -25.78
C GLU A 145 10.78 -10.29 -25.07
N ASN A 146 11.28 -11.15 -24.19
CA ASN A 146 10.51 -12.24 -23.61
C ASN A 146 10.19 -12.12 -22.13
N VAL A 147 10.60 -11.03 -21.49
CA VAL A 147 10.31 -10.80 -20.06
C VAL A 147 8.79 -10.65 -19.81
N LEU A 148 8.29 -11.25 -18.71
CA LEU A 148 6.86 -11.28 -18.42
C LEU A 148 6.50 -10.60 -17.11
N ASN A 149 5.23 -10.22 -16.96
CA ASN A 149 4.72 -9.77 -15.69
C ASN A 149 4.93 -10.83 -14.64
N ALA A 150 4.52 -12.07 -14.95
CA ALA A 150 4.71 -13.22 -14.05
C ALA A 150 6.15 -13.34 -13.64
N SER A 151 7.03 -12.79 -14.45
CA SER A 151 8.43 -12.90 -14.14
C SER A 151 8.73 -12.24 -12.82
N TYR A 152 7.77 -11.52 -12.28
CA TYR A 152 8.02 -10.69 -11.12
C TYR A 152 7.39 -11.22 -9.85
N SER A 153 6.68 -12.33 -9.95
CA SER A 153 5.69 -12.66 -8.93
C SER A 153 6.31 -12.92 -7.57
N LYS A 154 7.51 -13.47 -7.52
CA LYS A 154 8.16 -13.74 -6.23
C LYS A 154 8.60 -12.43 -5.61
N LEU A 155 9.23 -11.59 -6.39
CA LEU A 155 9.65 -10.33 -5.86
C LEU A 155 8.45 -9.65 -5.34
N LYS A 156 7.34 -9.82 -6.01
CA LYS A 156 6.21 -9.02 -5.68
C LYS A 156 5.56 -9.50 -4.41
N LYS A 157 5.61 -10.81 -4.14
CA LYS A 157 5.17 -11.31 -2.85
C LYS A 157 5.93 -10.55 -1.80
N PHE A 158 7.25 -10.59 -1.88
CA PHE A 158 8.04 -10.03 -0.79
C PHE A 158 7.67 -8.62 -0.52
N ILE A 159 7.71 -7.80 -1.54
CA ILE A 159 7.37 -6.42 -1.36
C ILE A 159 5.99 -6.24 -0.71
N GLU A 160 4.98 -6.95 -1.20
CA GLU A 160 3.64 -6.82 -0.65
C GLU A 160 3.62 -7.24 0.82
N SER A 161 4.18 -8.43 1.08
CA SER A 161 4.33 -8.87 2.45
C SER A 161 5.03 -7.81 3.31
N ALA A 162 5.84 -6.95 2.70
CA ALA A 162 6.59 -5.95 3.47
C ALA A 162 5.90 -4.60 3.55
N ASP A 163 5.67 -3.98 2.39
CA ASP A 163 5.05 -2.66 2.26
C ASP A 163 3.53 -2.66 2.34
N GLY A 164 2.94 -3.81 2.00
CA GLY A 164 1.49 -3.94 1.78
C GLY A 164 1.02 -3.31 0.49
N PHE A 165 1.89 -2.58 -0.18
CA PHE A 165 1.47 -1.61 -1.16
C PHE A 165 2.20 -1.85 -2.47
N THR A 166 1.64 -2.66 -3.36
CA THR A 166 2.33 -3.10 -4.59
C THR A 166 2.97 -2.00 -5.43
N ASN A 167 4.29 -2.15 -5.67
CA ASN A 167 5.06 -1.34 -6.63
C ASN A 167 4.24 -0.88 -7.82
N ASN A 168 4.29 0.42 -8.04
CA ASN A 168 3.73 0.91 -9.26
C ASN A 168 4.70 0.48 -10.40
N SER A 169 5.88 -0.06 -10.03
CA SER A 169 7.01 -0.02 -10.96
C SER A 169 7.73 -1.33 -11.21
N TYR A 170 8.40 -1.43 -12.37
CA TYR A 170 9.04 -2.66 -12.85
C TYR A 170 10.40 -2.36 -13.46
N GLY A 171 11.40 -3.08 -13.01
CA GLY A 171 12.74 -2.67 -13.30
C GLY A 171 13.55 -3.84 -13.75
N ALA A 172 14.57 -3.54 -14.55
CA ALA A 172 15.56 -4.52 -14.96
C ALA A 172 16.84 -3.75 -15.31
N THR A 173 17.97 -4.43 -15.32
CA THR A 173 19.22 -3.78 -15.60
C THR A 173 19.98 -4.59 -16.62
N PHE A 174 20.89 -3.94 -17.34
CA PHE A 174 21.78 -4.65 -18.26
C PHE A 174 23.04 -3.85 -18.56
N SER A 175 23.99 -4.54 -19.16
CA SER A 175 25.34 -4.03 -19.33
C SER A 175 25.35 -2.99 -20.42
N PHE A 176 25.84 -1.80 -20.11
CA PHE A 176 26.02 -0.77 -21.11
C PHE A 176 26.97 -1.23 -22.22
N GLN A 177 26.45 -1.33 -23.46
CA GLN A 177 27.22 -1.76 -24.66
C GLN A 177 26.76 -1.02 -25.92
N PRO A 178 27.64 -0.89 -26.92
CA PRO A 178 27.23 -0.60 -28.28
C PRO A 178 26.40 -1.74 -28.92
N TYR A 179 25.28 -2.10 -28.30
CA TYR A 179 24.35 -3.00 -28.92
C TYR A 179 23.97 -2.47 -30.30
N THR A 180 23.58 -3.35 -31.20
CA THR A 180 23.09 -2.95 -32.51
C THR A 180 21.64 -3.41 -32.67
N SER A 181 21.12 -4.10 -31.65
CA SER A 181 19.85 -4.82 -31.79
C SER A 181 19.16 -5.12 -30.44
N ILE A 182 17.84 -4.97 -30.34
CA ILE A 182 17.16 -5.50 -29.15
C ILE A 182 17.59 -6.94 -29.08
N ASP A 183 17.58 -7.57 -30.24
CA ASP A 183 18.00 -8.93 -30.43
C ASP A 183 19.31 -9.26 -29.66
N GLU A 184 20.17 -8.27 -29.41
CA GLU A 184 21.44 -8.55 -28.70
C GLU A 184 21.36 -8.47 -27.18
N MET A 185 20.25 -8.06 -26.60
CA MET A 185 20.29 -7.59 -25.21
C MET A 185 19.83 -8.63 -24.20
N THR A 186 20.60 -8.84 -23.12
CA THR A 186 20.05 -9.58 -21.95
C THR A 186 20.11 -8.84 -20.62
N TYR A 187 19.01 -8.97 -19.85
CA TYR A 187 18.87 -8.37 -18.55
C TYR A 187 19.73 -9.15 -17.59
N ARG A 188 20.44 -8.44 -16.76
CA ARG A 188 21.31 -9.06 -15.81
C ARG A 188 20.49 -9.41 -14.59
N HIS A 189 19.89 -8.42 -13.95
CA HIS A 189 18.89 -8.68 -12.93
C HIS A 189 17.63 -7.95 -13.31
N ILE A 190 16.55 -8.32 -12.65
CA ILE A 190 15.30 -7.57 -12.70
C ILE A 190 14.90 -7.36 -11.27
N PHE A 191 14.32 -6.20 -10.98
CA PHE A 191 14.17 -5.77 -9.60
C PHE A 191 12.93 -4.93 -9.49
N THR A 192 12.54 -4.64 -8.27
CA THR A 192 11.44 -3.73 -8.02
C THR A 192 11.74 -2.93 -6.77
N PRO A 193 11.48 -1.62 -6.81
CA PRO A 193 11.87 -0.78 -5.71
C PRO A 193 11.09 -1.09 -4.45
N VAL A 194 11.76 -1.13 -3.30
CA VAL A 194 11.05 -1.17 -2.01
C VAL A 194 10.85 0.25 -1.62
N LEU A 195 9.83 0.47 -0.78
CA LEU A 195 9.47 1.79 -0.25
C LEU A 195 9.12 1.74 1.26
N THR A 196 9.48 0.65 1.93
CA THR A 196 9.45 0.62 3.39
C THR A 196 10.77 0.16 3.95
N ASN A 197 11.09 0.67 5.13
CA ASN A 197 12.26 0.22 5.83
C ASN A 197 11.79 -0.79 6.85
N LYS A 198 10.59 -1.32 6.60
CA LYS A 198 10.03 -2.37 7.43
C LYS A 198 10.71 -3.66 7.05
N GLN A 199 11.01 -4.50 8.04
CA GLN A 199 11.65 -5.79 7.79
C GLN A 199 10.88 -6.67 6.79
N ILE A 200 11.62 -7.58 6.16
CA ILE A 200 11.09 -8.43 5.11
C ILE A 200 11.28 -9.86 5.59
N SER A 201 10.27 -10.40 6.26
CA SER A 201 10.53 -11.61 7.03
C SER A 201 10.70 -12.82 6.12
N SER A 202 11.75 -13.60 6.40
CA SER A 202 12.06 -14.86 5.72
C SER A 202 12.28 -14.63 4.24
N ILE A 203 13.08 -13.62 3.92
CA ILE A 203 13.56 -13.46 2.56
C ILE A 203 14.53 -14.60 2.19
N THR A 204 14.28 -15.23 1.06
CA THR A 204 15.09 -16.35 0.62
C THR A 204 16.28 -15.80 -0.13
N PRO A 205 17.33 -16.60 -0.26
CA PRO A 205 18.61 -16.02 -0.58
C PRO A 205 18.79 -15.79 -2.08
N ASP A 206 17.70 -15.85 -2.83
CA ASP A 206 17.81 -15.65 -4.26
C ASP A 206 17.23 -14.29 -4.52
N MET A 207 17.20 -13.48 -3.47
CA MET A 207 16.68 -12.11 -3.52
C MET A 207 17.73 -11.22 -2.93
N GLU A 208 18.22 -10.26 -3.69
CA GLU A 208 19.27 -9.47 -3.12
C GLU A 208 18.62 -8.16 -2.76
N ILE A 209 18.89 -7.65 -1.57
CA ILE A 209 18.41 -6.34 -1.22
C ILE A 209 19.56 -5.48 -1.53
N THR A 210 19.36 -4.47 -2.33
CA THR A 210 20.42 -3.60 -2.73
C THR A 210 19.71 -2.39 -3.25
N THR A 211 20.43 -1.35 -3.61
CA THR A 211 19.79 -0.17 -4.15
C THR A 211 20.54 0.45 -5.30
N ILE A 212 19.84 1.22 -6.11
CA ILE A 212 20.37 2.03 -7.19
C ILE A 212 21.08 3.21 -6.56
N PRO A 213 22.42 3.16 -6.51
CA PRO A 213 23.20 4.04 -5.62
C PRO A 213 22.95 5.52 -5.88
N LYS A 214 23.02 6.35 -4.84
CA LYS A 214 23.03 7.82 -5.02
C LYS A 214 24.14 8.23 -5.97
N GLY A 215 23.85 9.08 -6.94
CA GLY A 215 24.89 9.51 -7.87
C GLY A 215 24.39 10.40 -8.98
N ARG A 216 25.18 10.48 -10.04
CA ARG A 216 24.85 11.35 -11.15
C ARG A 216 24.48 10.49 -12.35
N TYR A 217 23.37 10.80 -12.99
CA TYR A 217 22.85 9.86 -13.99
C TYR A 217 22.46 10.48 -15.32
N ALA A 218 22.99 9.92 -16.41
CA ALA A 218 22.44 10.20 -17.75
C ALA A 218 21.11 9.48 -17.86
N CYS A 219 20.02 10.26 -17.93
CA CYS A 219 18.73 9.64 -18.11
C CYS A 219 18.07 9.99 -19.40
N ILE A 220 17.14 9.13 -19.80
CA ILE A 220 16.22 9.39 -20.88
C ILE A 220 14.91 8.67 -20.60
N ALA A 221 13.78 9.33 -20.80
CA ALA A 221 12.49 8.79 -20.39
C ALA A 221 11.39 9.20 -21.36
N TYR A 222 10.57 8.26 -21.80
CA TYR A 222 9.58 8.51 -22.83
C TYR A 222 8.37 7.65 -22.59
N ASN A 223 7.39 7.75 -23.46
CA ASN A 223 6.25 6.90 -23.32
C ASN A 223 6.47 5.80 -24.30
N PHE A 224 6.23 4.56 -23.88
CA PHE A 224 6.56 3.40 -24.68
C PHE A 224 5.89 3.35 -26.03
N SER A 225 6.68 2.98 -27.03
CA SER A 225 6.18 2.25 -28.20
C SER A 225 7.33 1.64 -28.98
N PRO A 226 7.10 0.45 -29.55
CA PRO A 226 8.21 -0.43 -29.93
C PRO A 226 9.31 0.26 -30.74
N GLU A 227 8.92 1.10 -31.69
CA GLU A 227 9.88 1.83 -32.52
C GLU A 227 10.86 2.67 -31.65
N HIS A 228 10.34 3.28 -30.59
CA HIS A 228 11.16 4.19 -29.81
C HIS A 228 12.14 3.53 -28.87
N TYR A 229 11.77 2.36 -28.38
CA TYR A 229 12.56 1.73 -27.35
C TYR A 229 14.00 1.70 -27.73
N PHE A 230 14.28 1.00 -28.82
CA PHE A 230 15.64 0.88 -29.20
C PHE A 230 16.24 2.20 -29.58
N LEU A 231 15.47 3.07 -30.24
CA LEU A 231 16.03 4.34 -30.63
C LEU A 231 16.56 5.11 -29.43
N ASN A 232 15.72 5.30 -28.42
CA ASN A 232 16.14 6.06 -27.25
C ASN A 232 17.36 5.46 -26.53
N LEU A 233 17.43 4.15 -26.43
CA LEU A 233 18.65 3.54 -26.00
C LEU A 233 19.80 4.08 -26.84
N GLN A 234 19.72 3.90 -28.15
CA GLN A 234 20.73 4.47 -29.04
C GLN A 234 21.12 5.88 -28.68
N LYS A 235 20.13 6.76 -28.53
CA LYS A 235 20.33 8.17 -28.17
C LYS A 235 21.25 8.28 -26.96
N LEU A 236 20.98 7.42 -25.99
CA LEU A 236 21.70 7.36 -24.72
C LEU A 236 23.16 7.04 -25.00
N ILE A 237 23.38 5.91 -25.66
CA ILE A 237 24.73 5.52 -25.93
C ILE A 237 25.45 6.69 -26.55
N LYS A 238 24.77 7.41 -27.44
CA LYS A 238 25.43 8.41 -28.23
C LYS A 238 25.86 9.53 -27.28
N TYR A 239 24.91 10.05 -26.53
CA TYR A 239 25.19 11.08 -25.54
C TYR A 239 26.43 10.79 -24.73
N ILE A 240 26.60 9.54 -24.33
CA ILE A 240 27.78 9.14 -23.55
C ILE A 240 28.99 9.31 -24.45
N ALA A 241 29.06 8.50 -25.51
CA ALA A 241 30.21 8.51 -26.40
C ALA A 241 30.57 9.92 -26.87
N ASP A 242 29.60 10.74 -27.21
CA ASP A 242 29.98 12.07 -27.63
C ASP A 242 30.53 12.92 -26.52
N ARG A 243 29.78 13.12 -25.45
CA ARG A 243 30.26 14.01 -24.36
C ARG A 243 31.39 13.34 -23.63
N GLN A 244 31.73 12.15 -24.12
CA GLN A 244 32.88 11.37 -23.67
C GLN A 244 32.94 11.13 -22.17
N LEU A 245 32.07 10.26 -21.68
CA LEU A 245 31.93 10.09 -20.25
C LEU A 245 32.24 8.65 -19.91
N THR A 246 32.47 8.37 -18.63
CA THR A 246 32.71 7.00 -18.18
C THR A 246 31.48 6.48 -17.44
N VAL A 247 30.92 5.37 -17.89
CA VAL A 247 29.77 4.82 -17.18
C VAL A 247 30.27 3.97 -16.06
N VAL A 248 29.49 3.89 -14.99
CA VAL A 248 29.88 3.13 -13.80
C VAL A 248 28.81 2.17 -13.23
N SER A 249 27.78 1.88 -14.02
CA SER A 249 26.74 0.94 -13.63
C SER A 249 26.16 0.36 -14.89
N ASP A 250 25.24 -0.59 -14.71
CA ASP A 250 24.34 -0.97 -15.79
C ASP A 250 23.42 0.15 -16.19
N VAL A 251 22.75 -0.06 -17.31
CA VAL A 251 21.58 0.69 -17.60
C VAL A 251 20.49 0.17 -16.69
N TYR A 252 19.83 1.08 -16.00
CA TYR A 252 18.67 0.70 -15.24
C TYR A 252 17.53 1.03 -16.13
N GLU A 253 16.56 0.15 -16.22
CA GLU A 253 15.38 0.43 -16.99
C GLU A 253 14.18 0.25 -16.06
N LEU A 254 13.28 1.25 -16.01
CA LEU A 254 12.06 1.15 -15.19
C LEU A 254 10.81 1.45 -15.95
N ILE A 255 9.83 0.56 -15.87
CA ILE A 255 8.58 0.74 -16.60
C ILE A 255 7.44 1.02 -15.63
N ILE A 256 6.64 2.03 -15.94
CA ILE A 256 5.57 2.43 -15.04
C ILE A 256 4.30 2.68 -15.83
N PRO A 257 3.23 1.96 -15.52
CA PRO A 257 1.93 2.23 -16.15
C PRO A 257 1.56 3.69 -16.00
N ILE A 258 0.92 4.26 -17.01
CA ILE A 258 0.40 5.63 -16.93
C ILE A 258 -1.06 5.58 -16.44
N HIS A 259 -1.72 4.47 -16.71
CA HIS A 259 -3.05 4.25 -16.18
C HIS A 259 -3.31 2.76 -16.01
N TYR A 260 -4.32 2.44 -15.21
CA TYR A 260 -4.67 1.06 -15.02
C TYR A 260 -6.09 0.88 -15.50
N SER A 261 -6.58 1.78 -16.32
CA SER A 261 -7.88 1.51 -16.91
C SER A 261 -7.81 0.30 -17.80
N PRO A 262 -8.68 -0.69 -17.56
CA PRO A 262 -8.64 -1.85 -18.42
C PRO A 262 -9.54 -1.61 -19.64
N LYS A 263 -10.05 -0.39 -19.75
CA LYS A 263 -10.95 -0.02 -20.83
C LYS A 263 -10.35 1.04 -21.76
N LYS A 264 -9.04 1.27 -21.66
CA LYS A 264 -8.31 2.18 -22.56
C LYS A 264 -7.02 1.47 -23.00
N GLN A 265 -6.39 1.94 -24.07
CA GLN A 265 -5.22 1.23 -24.60
C GLN A 265 -4.10 1.39 -23.63
N GLU A 266 -3.31 0.35 -23.42
CA GLU A 266 -2.31 0.43 -22.37
C GLU A 266 -1.17 1.37 -22.69
N GLU A 267 -0.75 2.15 -21.71
CA GLU A 267 0.38 3.01 -21.95
C GLU A 267 1.33 3.04 -20.77
N TYR A 268 2.62 3.22 -21.02
CA TYR A 268 3.65 3.06 -19.99
C TYR A 268 4.76 4.09 -20.12
N ARG A 269 5.27 4.56 -18.99
CA ARG A 269 6.43 5.42 -19.03
C ARG A 269 7.68 4.60 -18.84
N VAL A 270 8.67 4.78 -19.72
CA VAL A 270 9.93 4.06 -19.61
C VAL A 270 10.99 5.06 -19.20
N GLU A 271 11.96 4.61 -18.43
CA GLU A 271 13.09 5.43 -18.05
C GLU A 271 14.28 4.52 -18.09
N MET A 272 15.30 4.88 -18.87
CA MET A 272 16.58 4.22 -18.77
C MET A 272 17.56 5.21 -18.17
N LYS A 273 18.15 4.87 -17.04
CA LYS A 273 19.22 5.74 -16.55
C LYS A 273 20.48 4.97 -16.38
N ILE A 274 21.57 5.71 -16.29
CA ILE A 274 22.87 5.12 -16.03
C ILE A 274 23.76 6.07 -15.26
N ARG A 275 24.68 5.54 -14.47
CA ARG A 275 25.50 6.38 -13.63
C ARG A 275 26.86 6.72 -14.25
N ILE A 276 27.35 7.91 -13.98
CA ILE A 276 28.61 8.36 -14.58
C ILE A 276 29.48 9.06 -13.53
N LEU A 277 30.78 9.28 -13.84
CA LEU A 277 31.79 9.62 -12.81
C LEU A 277 31.75 11.09 -12.39
#